data_6F5B
#
_entry.id   6F5B
#
_cell.length_a   63.160
_cell.length_b   84.360
_cell.length_c   95.960
_cell.angle_alpha   90.00
_cell.angle_beta   90.00
_cell.angle_gamma   90.00
#
_symmetry.space_group_name_H-M   'P 21 21 21'
#
loop_
_entity.id
_entity.type
_entity.pdbx_description
1 polymer 'Poly [ADP-ribose] polymerase 2'
2 polymer "DNA (5'-D(P*GP*CP*CP*TP*AP*TP*AP*GP*GP*C)-3')"
#
loop_
_entity_poly.entity_id
_entity_poly.type
_entity_poly.pdbx_seq_one_letter_code
_entity_poly.pdbx_strand_id
1 'polypeptide(L)'
;SMGKAPVDPECTAKVGKAHVYCEGNDVYDVMLNQTNLQFNNNKYYLIQLLEDDAQRNFSVWMRWGRVGKMGQHSLVACSG
NLNKAKEIFQKKFLDKTKNNWEDREKFEKVPGKYDMLQMDYATNTQDEEET
;
A,B
2 'polydeoxyribonucleotide' (DG)(DC)(DC)(DT)(DA)(DT)(DA)(DG)(DG)(DC) C,D,E,F
#
# COMPACT_ATOMS: atom_id res chain seq x y z
N ALA A 5 22.92 -2.29 2.03
CA ALA A 5 21.66 -1.44 2.11
C ALA A 5 20.98 -1.29 0.76
N PRO A 6 20.59 -2.40 0.15
CA PRO A 6 19.81 -2.28 -1.09
C PRO A 6 18.35 -1.96 -0.78
N VAL A 7 17.73 -1.17 -1.65
CA VAL A 7 16.28 -0.98 -1.57
C VAL A 7 15.59 -2.33 -1.63
N ASP A 8 14.60 -2.53 -0.76
CA ASP A 8 13.75 -3.72 -0.77
C ASP A 8 13.29 -4.01 -2.20
N PRO A 9 13.60 -5.20 -2.72
CA PRO A 9 13.18 -5.53 -4.08
C PRO A 9 11.68 -5.50 -4.27
N GLU A 10 10.96 -5.72 -3.17
CA GLU A 10 9.51 -5.68 -3.19
C GLU A 10 8.94 -4.29 -3.45
N CYS A 11 9.75 -3.23 -3.31
CA CYS A 11 9.31 -1.86 -3.66
C CYS A 11 9.51 -1.55 -5.14
N THR A 12 8.64 -2.12 -5.97
CA THR A 12 8.85 -2.12 -7.42
C THR A 12 8.90 -0.70 -7.99
N ALA A 13 8.09 0.19 -7.42
CA ALA A 13 8.06 1.58 -7.86
C ALA A 13 9.35 2.39 -7.62
N LYS A 14 10.33 1.86 -6.87
CA LYS A 14 11.57 2.60 -6.58
C LYS A 14 12.89 1.82 -6.61
N VAL A 15 12.84 0.52 -6.80
CA VAL A 15 14.05 -0.26 -6.95
C VAL A 15 14.65 0.24 -8.26
N GLY A 16 15.92 0.58 -8.19
CA GLY A 16 16.60 1.16 -9.33
C GLY A 16 16.44 2.62 -9.60
N LYS A 17 15.44 3.29 -9.06
CA LYS A 17 15.33 4.75 -9.21
C LYS A 17 15.69 5.53 -7.91
N ALA A 18 16.14 4.79 -6.88
CA ALA A 18 16.29 5.36 -5.54
C ALA A 18 17.18 4.53 -4.63
N HIS A 19 17.68 5.19 -3.60
CA HIS A 19 18.59 4.59 -2.62
C HIS A 19 18.10 4.81 -1.21
N VAL A 20 18.51 3.91 -0.32
CA VAL A 20 18.36 4.10 1.10
C VAL A 20 19.17 5.34 1.46
N TYR A 21 18.58 6.19 2.29
CA TYR A 21 19.22 7.46 2.64
C TYR A 21 20.09 7.20 3.84
N CYS A 22 21.28 7.84 3.86
CA CYS A 22 22.26 7.76 4.98
C CYS A 22 22.87 9.10 5.30
N GLU A 23 23.41 9.23 6.51
CA GLU A 23 24.17 10.41 6.89
C GLU A 23 25.19 10.02 7.96
N GLY A 24 26.35 9.57 7.47
CA GLY A 24 27.42 9.09 8.33
C GLY A 24 27.00 7.76 8.91
N ASN A 25 27.00 7.69 10.24
CA ASN A 25 26.47 6.53 11.00
C ASN A 25 25.11 6.11 10.46
N ASP A 26 24.21 7.09 10.41
CA ASP A 26 22.79 6.83 10.40
C ASP A 26 22.36 6.42 9.01
N VAL A 27 22.13 5.12 8.88
CA VAL A 27 21.54 4.51 7.71
C VAL A 27 20.09 4.14 8.05
N TYR A 28 19.17 4.78 7.35
CA TYR A 28 17.75 4.66 7.65
C TYR A 28 17.18 3.47 6.93
N ASP A 29 17.54 2.31 7.45
CA ASP A 29 17.08 1.01 6.96
C ASP A 29 17.08 0.14 8.18
N VAL A 30 16.02 -0.66 8.38
CA VAL A 30 15.95 -1.51 9.56
C VAL A 30 14.86 -2.58 9.44
N MET A 31 15.12 -3.74 10.06
CA MET A 31 14.20 -4.88 10.08
C MET A 31 13.83 -5.19 11.50
N LEU A 32 12.55 -5.36 11.74
CA LEU A 32 12.05 -5.71 13.05
C LEU A 32 11.41 -7.10 13.09
N ASN A 33 11.54 -7.77 14.24
CA ASN A 33 10.92 -9.08 14.50
C ASN A 33 10.25 -9.15 15.84
N GLN A 34 9.14 -9.89 15.88
CA GLN A 34 8.47 -10.24 17.13
C GLN A 34 8.04 -11.66 16.98
N THR A 35 8.74 -12.55 17.70
CA THR A 35 8.31 -13.93 17.86
C THR A 35 7.77 -14.12 19.27
N ASN A 36 6.64 -14.82 19.37
CA ASN A 36 6.03 -15.10 20.66
C ASN A 36 5.15 -16.34 20.48
N LEU A 37 5.75 -17.50 20.74
CA LEU A 37 5.14 -18.80 20.49
C LEU A 37 3.87 -19.07 21.31
N GLN A 38 3.76 -18.42 22.47
CA GLN A 38 2.56 -18.48 23.30
C GLN A 38 1.29 -18.03 22.57
N PHE A 39 1.39 -16.93 21.82
CA PHE A 39 0.25 -16.39 21.04
C PHE A 39 0.34 -16.70 19.54
N ASN A 40 1.34 -17.50 19.13
CA ASN A 40 1.68 -17.75 17.70
C ASN A 40 1.90 -16.44 16.90
N ASN A 41 2.74 -15.54 17.44
CA ASN A 41 3.26 -14.42 16.66
C ASN A 41 4.60 -14.83 16.07
N ASN A 42 4.77 -14.60 14.78
CA ASN A 42 6.06 -14.68 14.15
C ASN A 42 6.03 -13.78 12.93
N LYS A 43 6.35 -12.52 13.16
CA LYS A 43 6.11 -11.46 12.20
C LYS A 43 7.21 -10.42 12.11
N TYR A 44 7.31 -9.79 10.94
CA TYR A 44 8.31 -8.80 10.66
C TYR A 44 7.68 -7.46 10.32
N TYR A 45 8.57 -6.48 10.28
CA TYR A 45 8.25 -5.11 9.92
C TYR A 45 9.54 -4.44 9.45
N LEU A 46 9.60 -4.17 8.14
CA LEU A 46 10.73 -3.46 7.54
C LEU A 46 10.37 -1.98 7.37
N ILE A 47 11.37 -1.11 7.57
CA ILE A 47 11.24 0.32 7.35
C ILE A 47 12.46 0.87 6.64
N GLN A 48 12.23 1.71 5.65
CA GLN A 48 13.30 2.26 4.85
C GLN A 48 12.96 3.67 4.48
N LEU A 49 13.87 4.59 4.76
CA LEU A 49 13.78 5.95 4.24
C LEU A 49 14.56 5.94 2.95
N LEU A 50 13.91 6.36 1.85
CA LEU A 50 14.50 6.39 0.52
C LEU A 50 14.54 7.78 -0.10
N GLU A 51 15.71 8.12 -0.63
CA GLU A 51 15.87 9.25 -1.54
C GLU A 51 15.97 8.75 -2.99
N ASP A 52 15.31 9.44 -3.90
CA ASP A 52 15.55 9.25 -5.34
C ASP A 52 16.98 9.61 -5.75
N ASP A 53 17.48 8.97 -6.80
CA ASP A 53 18.82 9.28 -7.32
C ASP A 53 18.93 10.61 -8.06
N ALA A 54 17.98 10.82 -8.97
CA ALA A 54 17.98 11.97 -9.89
C ALA A 54 17.42 13.29 -9.35
N GLN A 55 16.86 13.33 -8.14
CA GLN A 55 16.22 14.53 -7.58
C GLN A 55 16.10 14.39 -6.06
N ARG A 56 16.00 15.52 -5.38
CA ARG A 56 15.96 15.50 -3.90
C ARG A 56 14.49 15.29 -3.47
N ASN A 57 14.14 14.03 -3.29
CA ASN A 57 12.77 13.60 -3.15
C ASN A 57 12.69 12.32 -2.35
N PHE A 58 11.94 12.34 -1.25
CA PHE A 58 12.02 11.32 -0.23
C PHE A 58 10.72 10.57 -0.04
N SER A 59 10.88 9.36 0.47
CA SER A 59 9.79 8.45 0.64
C SER A 59 10.07 7.55 1.83
N VAL A 60 9.03 7.14 2.56
CA VAL A 60 9.22 6.06 3.52
C VAL A 60 8.51 4.79 3.10
N TRP A 61 9.27 3.71 3.06
CA TRP A 61 8.76 2.39 2.71
C TRP A 61 8.60 1.56 3.95
N MET A 62 7.42 0.97 4.10
CA MET A 62 7.11 0.05 5.18
C MET A 62 6.53 -1.20 4.60
N ARG A 63 6.93 -2.33 5.16
CA ARG A 63 6.46 -3.62 4.69
C ARG A 63 6.47 -4.62 5.80
N TRP A 64 5.41 -5.40 5.93
CA TRP A 64 5.18 -6.22 7.11
C TRP A 64 4.32 -7.44 6.78
N GLY A 65 4.39 -8.45 7.63
CA GLY A 65 3.70 -9.72 7.42
C GLY A 65 4.22 -10.82 8.35
N ARG A 66 3.70 -12.02 8.17
CA ARG A 66 4.26 -13.23 8.78
C ARG A 66 5.61 -13.56 8.15
N VAL A 67 6.58 -13.94 8.95
CA VAL A 67 7.89 -14.36 8.44
C VAL A 67 7.70 -15.39 7.36
N GLY A 68 8.35 -15.17 6.21
CA GLY A 68 8.18 -16.05 5.08
C GLY A 68 7.20 -15.49 4.06
N LYS A 69 6.07 -14.97 4.52
CA LYS A 69 4.98 -14.59 3.65
C LYS A 69 5.05 -13.12 3.20
N MET A 70 4.29 -12.86 2.14
CA MET A 70 4.34 -11.62 1.36
C MET A 70 3.94 -10.38 2.13
N GLY A 71 2.80 -10.41 2.80
CA GLY A 71 2.36 -9.27 3.59
C GLY A 71 1.71 -8.08 2.90
N GLN A 72 1.75 -6.96 3.57
CA GLN A 72 1.23 -5.69 3.06
C GLN A 72 2.37 -4.65 3.17
N HIS A 73 2.17 -3.51 2.51
CA HIS A 73 3.17 -2.46 2.53
C HIS A 73 2.61 -1.07 2.23
N SER A 74 3.37 -0.06 2.62
CA SER A 74 3.00 1.30 2.38
C SER A 74 4.18 2.17 1.97
N LEU A 75 3.96 3.02 0.96
CA LEU A 75 4.96 3.98 0.53
C LEU A 75 4.48 5.40 0.76
N VAL A 76 5.11 6.13 1.66
CA VAL A 76 4.67 7.50 2.01
C VAL A 76 5.61 8.53 1.40
N ALA A 77 5.05 9.35 0.51
CA ALA A 77 5.82 10.36 -0.19
C ALA A 77 5.97 11.67 0.60
N CYS A 78 7.15 12.29 0.55
CA CYS A 78 7.48 13.51 1.33
C CYS A 78 8.09 14.69 0.56
N SER A 79 8.24 14.55 -0.76
CA SER A 79 8.87 15.56 -1.63
C SER A 79 10.25 15.82 -1.10
N GLY A 80 10.66 17.07 -1.00
CA GLY A 80 11.98 17.36 -0.45
C GLY A 80 11.98 17.62 1.04
N ASN A 81 10.91 17.24 1.74
CA ASN A 81 10.88 17.45 3.18
C ASN A 81 11.53 16.25 3.89
N LEU A 82 12.84 16.26 3.92
CA LEU A 82 13.59 15.24 4.65
C LEU A 82 13.19 15.12 6.13
N ASN A 83 12.82 16.22 6.77
CA ASN A 83 12.41 16.17 8.19
C ASN A 83 11.08 15.44 8.41
N LYS A 84 10.10 15.69 7.57
CA LYS A 84 8.86 14.88 7.55
C LYS A 84 9.25 13.41 7.52
N ALA A 85 10.09 13.06 6.56
CA ALA A 85 10.51 11.69 6.37
C ALA A 85 11.27 11.09 7.54
N LYS A 86 12.19 11.82 8.15
CA LYS A 86 12.87 11.29 9.34
C LYS A 86 11.88 11.11 10.50
N GLU A 87 10.92 12.03 10.59
CA GLU A 87 9.92 11.97 11.66
C GLU A 87 9.11 10.67 11.52
N ILE A 88 8.51 10.49 10.37
CA ILE A 88 7.73 9.30 10.07
C ILE A 88 8.47 8.02 10.39
N PHE A 89 9.68 7.92 9.90
CA PHE A 89 10.56 6.77 10.13
C PHE A 89 10.82 6.52 11.60
N GLN A 90 11.24 7.57 12.29
CA GLN A 90 11.58 7.50 13.71
C GLN A 90 10.37 7.24 14.60
N LYS A 91 9.25 7.88 14.27
CA LYS A 91 8.02 7.70 15.02
C LYS A 91 7.59 6.26 14.94
N LYS A 92 7.58 5.74 13.73
CA LYS A 92 7.20 4.37 13.46
C LYS A 92 8.12 3.38 14.15
N PHE A 93 9.42 3.65 14.13
CA PHE A 93 10.38 2.84 14.89
C PHE A 93 10.06 2.80 16.38
N LEU A 94 9.70 3.96 16.93
CA LEU A 94 9.35 4.08 18.33
C LEU A 94 8.04 3.35 18.61
N ASP A 95 7.01 3.61 17.80
CA ASP A 95 5.71 2.95 17.93
C ASP A 95 5.88 1.44 18.10
N LYS A 96 6.76 0.84 17.31
CA LYS A 96 6.83 -0.61 17.26
C LYS A 96 7.78 -1.32 18.24
N THR A 97 8.76 -0.60 18.79
CA THR A 97 9.80 -1.19 19.68
C THR A 97 9.78 -0.65 21.09
N LYS A 98 9.20 0.55 21.23
CA LYS A 98 9.24 1.38 22.43
C LYS A 98 10.63 1.97 22.72
N ASN A 99 11.53 2.01 21.72
CA ASN A 99 12.88 2.58 21.86
C ASN A 99 13.05 3.69 20.85
N ASN A 100 13.72 4.77 21.24
CA ASN A 100 14.05 5.83 20.29
C ASN A 100 15.15 5.38 19.34
N TRP A 101 15.14 5.92 18.12
CA TRP A 101 16.03 5.47 17.03
C TRP A 101 17.48 5.93 17.20
N GLU A 102 17.64 7.18 17.58
CA GLU A 102 18.97 7.82 17.61
C GLU A 102 19.71 7.26 18.84
N ASP A 103 19.02 7.27 19.98
CA ASP A 103 19.54 6.63 21.21
C ASP A 103 19.11 5.15 21.24
N ARG A 104 19.61 4.36 20.29
CA ARG A 104 19.51 2.91 20.45
C ARG A 104 20.52 2.09 19.67
N GLU A 105 21.78 2.54 19.72
CA GLU A 105 22.92 1.62 19.74
C GLU A 105 22.71 0.66 20.92
N LYS A 106 22.35 1.22 22.08
CA LYS A 106 21.95 0.46 23.26
C LYS A 106 20.43 0.23 23.28
N PHE A 107 20.00 -0.73 22.46
CA PHE A 107 18.61 -1.12 22.30
C PHE A 107 18.21 -2.09 23.39
N GLU A 108 17.04 -1.85 23.96
CA GLU A 108 16.53 -2.63 25.08
C GLU A 108 15.19 -3.21 24.63
N LYS A 109 15.13 -4.52 24.40
CA LYS A 109 13.87 -5.20 24.02
C LYS A 109 12.84 -5.10 25.12
N VAL A 110 11.56 -5.02 24.78
CA VAL A 110 10.49 -4.99 25.79
C VAL A 110 9.49 -6.07 25.40
N PRO A 111 8.80 -6.70 26.39
CA PRO A 111 7.84 -7.77 26.05
C PRO A 111 6.66 -7.23 25.24
N GLY A 112 6.20 -8.05 24.29
CA GLY A 112 5.11 -7.64 23.38
C GLY A 112 5.39 -6.42 22.50
N LYS A 113 6.64 -6.25 22.11
CA LYS A 113 7.05 -5.23 21.15
C LYS A 113 8.11 -5.85 20.26
N TYR A 114 8.29 -5.24 19.11
CA TYR A 114 9.24 -5.74 18.14
C TYR A 114 10.69 -5.58 18.64
N ASP A 115 11.49 -6.53 18.18
CA ASP A 115 12.90 -6.64 18.46
C ASP A 115 13.63 -6.16 17.18
N MET A 116 14.89 -5.76 17.28
CA MET A 116 15.68 -5.32 16.13
C MET A 116 16.58 -6.46 15.61
N LEU A 117 17.35 -6.23 14.55
CA LEU A 117 18.50 -7.12 14.30
C LEU A 117 19.68 -6.36 13.69
N GLN A 118 20.78 -7.07 13.36
CA GLN A 118 22.08 -6.44 13.13
C GLN A 118 22.70 -6.69 11.73
N ALA B 5 -15.75 10.00 -14.61
CA ALA B 5 -14.69 8.98 -14.35
C ALA B 5 -13.30 9.57 -14.06
N PRO B 6 -13.23 10.44 -13.05
CA PRO B 6 -11.90 10.99 -12.72
C PRO B 6 -11.10 10.01 -11.87
N VAL B 7 -9.79 9.99 -12.08
CA VAL B 7 -8.88 9.27 -11.19
C VAL B 7 -9.09 9.75 -9.77
N ASP B 8 -9.17 8.81 -8.83
CA ASP B 8 -9.30 9.10 -7.41
C ASP B 8 -8.24 10.13 -7.01
N PRO B 9 -8.67 11.27 -6.46
CA PRO B 9 -7.71 12.29 -6.07
C PRO B 9 -6.74 11.82 -5.01
N GLU B 10 -7.16 10.82 -4.23
CA GLU B 10 -6.32 10.24 -3.20
C GLU B 10 -5.13 9.47 -3.79
N CYS B 11 -5.14 9.13 -5.09
CA CYS B 11 -3.99 8.49 -5.73
C CYS B 11 -2.97 9.52 -6.23
N THR B 12 -2.20 10.05 -5.29
CA THR B 12 -1.26 11.13 -5.55
C THR B 12 -0.24 10.79 -6.65
N ALA B 13 0.20 9.54 -6.70
CA ALA B 13 1.17 9.12 -7.70
C ALA B 13 0.66 9.12 -9.16
N LYS B 14 -0.64 9.34 -9.40
CA LYS B 14 -1.20 9.25 -10.75
C LYS B 14 -2.26 10.30 -11.14
N VAL B 15 -2.66 11.19 -10.22
CA VAL B 15 -3.74 12.09 -10.55
C VAL B 15 -3.34 13.07 -11.66
N GLY B 16 -2.04 13.41 -11.74
CA GLY B 16 -1.55 14.23 -12.84
C GLY B 16 -1.34 13.49 -14.19
N LYS B 17 -0.90 12.24 -14.12
CA LYS B 17 -0.27 11.63 -15.27
C LYS B 17 -0.98 10.41 -15.88
N ALA B 18 -2.28 10.23 -15.61
CA ALA B 18 -2.96 8.97 -16.00
C ALA B 18 -4.45 9.08 -16.02
N HIS B 19 -5.07 8.16 -16.76
CA HIS B 19 -6.54 8.12 -16.93
C HIS B 19 -7.09 6.75 -16.60
N VAL B 20 -8.36 6.74 -16.21
CA VAL B 20 -9.10 5.51 -16.08
C VAL B 20 -9.14 4.90 -17.47
N TYR B 21 -8.94 3.60 -17.56
CA TYR B 21 -8.91 2.90 -18.84
C TYR B 21 -10.35 2.50 -19.15
N CYS B 22 -10.72 2.61 -20.44
CA CYS B 22 -12.03 2.24 -20.98
C CYS B 22 -11.91 1.53 -22.31
N GLU B 23 -13.01 0.90 -22.71
CA GLU B 23 -13.20 0.48 -24.09
C GLU B 23 -14.72 0.53 -24.37
N GLY B 24 -15.18 1.72 -24.73
CA GLY B 24 -16.57 1.98 -25.00
C GLY B 24 -17.35 1.91 -23.71
N ASN B 25 -18.36 1.01 -23.69
CA ASN B 25 -19.13 0.63 -22.50
C ASN B 25 -18.24 0.46 -21.30
N ASP B 26 -17.24 -0.42 -21.45
CA ASP B 26 -16.52 -0.96 -20.33
C ASP B 26 -15.51 0.06 -19.83
N VAL B 27 -15.89 0.74 -18.76
CA VAL B 27 -15.05 1.71 -18.05
C VAL B 27 -14.67 1.04 -16.73
N TYR B 28 -13.37 0.80 -16.57
CA TYR B 28 -12.84 0.07 -15.44
C TYR B 28 -12.62 1.02 -14.28
N ASP B 29 -13.74 1.41 -13.70
CA ASP B 29 -13.82 2.29 -12.53
C ASP B 29 -15.09 1.85 -11.85
N VAL B 30 -15.07 1.69 -10.53
CA VAL B 30 -16.25 1.24 -9.81
C VAL B 30 -16.11 1.46 -8.30
N MET B 31 -17.24 1.76 -7.67
CA MET B 31 -17.32 1.99 -6.24
C MET B 31 -18.28 0.98 -5.65
N LEU B 32 -17.83 0.36 -4.58
CA LEU B 32 -18.61 -0.65 -3.89
C LEU B 32 -18.99 -0.21 -2.47
N ASN B 33 -20.16 -0.66 -2.02
CA ASN B 33 -20.64 -0.39 -0.66
C ASN B 33 -21.23 -1.65 -0.01
N GLN B 34 -21.01 -1.75 1.30
CA GLN B 34 -21.69 -2.73 2.12
C GLN B 34 -22.05 -2.01 3.40
N THR B 35 -23.34 -1.69 3.52
CA THR B 35 -23.91 -1.16 4.75
C THR B 35 -24.78 -2.25 5.38
N ASN B 36 -24.68 -2.40 6.69
CA ASN B 36 -25.35 -3.50 7.37
C ASN B 36 -25.29 -3.23 8.86
N LEU B 37 -26.32 -2.56 9.36
CA LEU B 37 -26.31 -2.03 10.73
C LEU B 37 -26.38 -3.12 11.81
N GLN B 38 -26.82 -4.32 11.44
CA GLN B 38 -26.72 -5.51 12.29
C GLN B 38 -25.29 -5.81 12.78
N PHE B 39 -24.34 -5.74 11.87
CA PHE B 39 -22.92 -6.00 12.17
C PHE B 39 -22.09 -4.70 12.30
N ASN B 40 -22.73 -3.53 12.24
CA ASN B 40 -22.08 -2.20 12.13
C ASN B 40 -21.06 -2.11 10.97
N ASN B 41 -21.49 -2.53 9.77
CA ASN B 41 -20.74 -2.28 8.54
C ASN B 41 -21.29 -0.99 7.92
N ASN B 42 -20.37 -0.11 7.56
CA ASN B 42 -20.67 0.97 6.64
C ASN B 42 -19.34 1.32 5.96
N LYS B 43 -19.05 0.61 4.88
CA LYS B 43 -17.73 0.60 4.29
C LYS B 43 -17.74 0.54 2.77
N TYR B 44 -16.67 1.09 2.21
CA TYR B 44 -16.53 1.18 0.76
C TYR B 44 -15.31 0.45 0.29
N TYR B 45 -15.27 0.32 -1.03
CA TYR B 45 -14.17 -0.28 -1.75
C TYR B 45 -14.19 0.26 -3.20
N LEU B 46 -13.22 1.09 -3.51
CA LEU B 46 -13.03 1.65 -4.85
C LEU B 46 -11.98 0.85 -5.61
N ILE B 47 -12.20 0.68 -6.90
CA ILE B 47 -11.27 -0.01 -7.78
C ILE B 47 -11.18 0.72 -9.12
N GLN B 48 -9.97 0.89 -9.61
CA GLN B 48 -9.75 1.61 -10.83
C GLN B 48 -8.59 0.98 -11.55
N LEU B 49 -8.80 0.64 -12.82
CA LEU B 49 -7.72 0.30 -13.72
C LEU B 49 -7.31 1.59 -14.38
N LEU B 50 -6.03 1.91 -14.31
CA LEU B 50 -5.46 3.14 -14.85
C LEU B 50 -4.34 2.89 -15.86
N GLU B 51 -4.44 3.60 -16.98
CA GLU B 51 -3.35 3.72 -17.94
C GLU B 51 -2.72 5.09 -17.80
N ASP B 52 -1.39 5.16 -17.85
CA ASP B 52 -0.68 6.42 -18.03
C ASP B 52 -1.03 7.08 -19.35
N ASP B 53 -1.01 8.42 -19.41
CA ASP B 53 -1.13 9.08 -20.74
C ASP B 53 0.22 9.03 -21.51
N ALA B 54 1.34 9.27 -20.83
CA ALA B 54 2.66 9.33 -21.48
C ALA B 54 3.03 8.03 -22.18
N GLN B 55 2.99 6.93 -21.42
CA GLN B 55 3.44 5.60 -21.88
C GLN B 55 2.32 4.55 -21.79
N ARG B 56 2.44 3.45 -22.51
CA ARG B 56 1.47 2.36 -22.39
C ARG B 56 1.85 1.48 -21.19
N ASN B 57 1.27 1.84 -20.05
CA ASN B 57 1.67 1.33 -18.77
C ASN B 57 0.50 1.39 -17.79
N PHE B 58 0.19 0.26 -17.17
CA PHE B 58 -1.06 0.10 -16.45
C PHE B 58 -0.89 -0.17 -14.97
N SER B 59 -1.93 0.11 -14.23
CA SER B 59 -1.91 0.01 -12.80
C SER B 59 -3.31 -0.28 -12.30
N VAL B 60 -3.42 -1.01 -11.19
CA VAL B 60 -4.72 -1.10 -10.51
C VAL B 60 -4.69 -0.40 -9.17
N TRP B 61 -5.63 0.53 -8.98
CA TRP B 61 -5.79 1.26 -7.73
C TRP B 61 -6.94 0.72 -6.97
N MET B 62 -6.69 0.43 -5.70
CA MET B 62 -7.73 0.00 -4.76
C MET B 62 -7.67 0.85 -3.52
N ARG B 63 -8.83 1.22 -2.99
CA ARG B 63 -8.90 2.05 -1.81
C ARG B 63 -10.18 1.74 -1.07
N TRP B 64 -10.09 1.63 0.24
CA TRP B 64 -11.17 1.08 1.05
C TRP B 64 -11.09 1.61 2.47
N GLY B 65 -12.22 1.56 3.18
CA GLY B 65 -12.30 2.10 4.53
C GLY B 65 -13.74 2.23 4.98
N ARG B 66 -13.91 2.77 6.19
CA ARG B 66 -15.25 3.19 6.65
C ARG B 66 -15.66 4.44 5.89
N VAL B 67 -16.92 4.51 5.47
CA VAL B 67 -17.43 5.69 4.75
C VAL B 67 -17.09 6.91 5.57
N GLY B 68 -16.52 7.93 4.94
CA GLY B 68 -16.11 9.12 5.66
C GLY B 68 -14.65 9.14 5.98
N LYS B 69 -14.10 8.01 6.42
CA LYS B 69 -12.65 7.94 6.71
C LYS B 69 -11.82 7.59 5.44
N MET B 70 -10.71 8.30 5.20
CA MET B 70 -9.74 7.87 4.18
C MET B 70 -9.20 6.60 4.87
N GLY B 71 -9.03 5.55 4.11
CA GLY B 71 -8.81 4.24 4.72
C GLY B 71 -7.41 3.76 4.46
N GLN B 72 -7.31 2.62 3.77
CA GLN B 72 -6.07 2.10 3.25
C GLN B 72 -6.21 1.96 1.73
N HIS B 73 -5.08 1.75 1.06
CA HIS B 73 -5.08 1.63 -0.40
C HIS B 73 -3.90 0.84 -0.94
N SER B 74 -4.06 0.35 -2.16
CA SER B 74 -3.00 -0.35 -2.85
C SER B 74 -2.93 0.01 -4.32
N LEU B 75 -1.70 0.24 -4.81
CA LEU B 75 -1.47 0.46 -6.23
C LEU B 75 -0.64 -0.66 -6.82
N VAL B 76 -1.23 -1.47 -7.70
CA VAL B 76 -0.50 -2.59 -8.30
C VAL B 76 -0.08 -2.28 -9.74
N ALA B 77 1.23 -2.23 -9.96
CA ALA B 77 1.78 -1.89 -11.26
C ALA B 77 1.89 -3.12 -12.20
N CYS B 78 1.60 -2.92 -13.49
CA CYS B 78 1.54 -4.02 -14.49
C CYS B 78 2.39 -3.83 -15.77
N SER B 79 3.01 -2.66 -15.93
CA SER B 79 4.00 -2.39 -16.93
C SER B 79 3.60 -2.84 -18.30
N GLY B 80 2.43 -2.43 -18.78
CA GLY B 80 2.09 -2.75 -20.17
C GLY B 80 1.35 -4.06 -20.38
N ASN B 81 1.25 -4.88 -19.34
CA ASN B 81 0.45 -6.08 -19.41
C ASN B 81 -1.02 -5.75 -19.06
N LEU B 82 -1.75 -5.23 -20.04
CA LEU B 82 -3.18 -4.99 -19.86
C LEU B 82 -3.99 -6.23 -19.35
N ASN B 83 -3.61 -7.43 -19.78
CA ASN B 83 -4.32 -8.65 -19.33
C ASN B 83 -4.15 -8.93 -17.83
N LYS B 84 -2.91 -8.82 -17.34
CA LYS B 84 -2.65 -8.89 -15.90
C LYS B 84 -3.62 -7.96 -15.18
N ALA B 85 -3.63 -6.70 -15.64
CA ALA B 85 -4.43 -5.67 -15.01
C ALA B 85 -5.94 -5.93 -15.07
N LYS B 86 -6.46 -6.38 -16.21
CA LYS B 86 -7.89 -6.72 -16.24
C LYS B 86 -8.21 -7.88 -15.30
N GLU B 87 -7.29 -8.83 -15.22
CA GLU B 87 -7.49 -9.99 -14.37
C GLU B 87 -7.64 -9.56 -12.91
N ILE B 88 -6.63 -8.85 -12.43
CA ILE B 88 -6.62 -8.35 -11.05
C ILE B 88 -7.90 -7.60 -10.72
N PHE B 89 -8.28 -6.67 -11.57
CA PHE B 89 -9.50 -5.88 -11.42
C PHE B 89 -10.74 -6.72 -11.32
N GLN B 90 -10.89 -7.60 -12.31
CA GLN B 90 -12.07 -8.46 -12.42
C GLN B 90 -12.14 -9.50 -11.29
N LYS B 91 -10.99 -10.08 -10.94
CA LYS B 91 -10.93 -11.06 -9.87
C LYS B 91 -11.39 -10.43 -8.58
N LYS B 92 -10.80 -9.28 -8.28
CA LYS B 92 -11.11 -8.53 -7.08
C LYS B 92 -12.59 -8.11 -7.04
N PHE B 93 -13.13 -7.69 -8.18
CA PHE B 93 -14.56 -7.36 -8.27
C PHE B 93 -15.43 -8.57 -7.91
N LEU B 94 -15.03 -9.74 -8.42
CA LEU B 94 -15.73 -10.98 -8.13
C LEU B 94 -15.61 -11.36 -6.66
N ASP B 95 -14.37 -11.34 -6.14
CA ASP B 95 -14.11 -11.63 -4.72
C ASP B 95 -15.07 -10.87 -3.81
N LYS B 96 -15.31 -9.61 -4.10
CA LYS B 96 -16.05 -8.75 -3.18
C LYS B 96 -17.57 -8.69 -3.33
N THR B 97 -18.11 -9.06 -4.49
CA THR B 97 -19.55 -8.97 -4.79
C THR B 97 -20.23 -10.32 -5.04
N LYS B 98 -19.40 -11.30 -5.42
CA LYS B 98 -19.80 -12.61 -5.92
C LYS B 98 -20.45 -12.55 -7.31
N ASN B 99 -20.24 -11.47 -8.07
CA ASN B 99 -20.76 -11.30 -9.45
C ASN B 99 -19.59 -11.08 -10.38
N ASN B 100 -19.66 -11.65 -11.58
CA ASN B 100 -18.64 -11.37 -12.62
C ASN B 100 -18.82 -9.97 -13.15
N TRP B 101 -17.72 -9.36 -13.60
CA TRP B 101 -17.72 -7.95 -14.03
C TRP B 101 -18.39 -7.73 -15.41
N GLU B 102 -18.07 -8.65 -16.34
CA GLU B 102 -18.74 -8.79 -17.62
C GLU B 102 -20.25 -8.93 -17.47
N ASP B 103 -20.67 -9.65 -16.43
CA ASP B 103 -22.09 -9.67 -15.98
C ASP B 103 -22.62 -8.43 -15.22
N ARG B 104 -21.96 -7.27 -15.34
CA ARG B 104 -22.29 -6.11 -14.52
C ARG B 104 -23.69 -5.54 -14.69
N GLU B 105 -24.23 -5.69 -15.89
CA GLU B 105 -25.49 -5.09 -16.26
C GLU B 105 -26.55 -5.72 -15.37
N LYS B 106 -26.55 -7.06 -15.31
CA LYS B 106 -27.48 -7.81 -14.47
C LYS B 106 -26.80 -8.13 -13.13
N PHE B 107 -26.66 -7.10 -12.29
CA PHE B 107 -26.03 -7.26 -10.97
C PHE B 107 -27.05 -7.75 -9.93
N GLU B 108 -26.68 -8.76 -9.17
CA GLU B 108 -27.54 -9.40 -8.19
C GLU B 108 -26.79 -9.31 -6.86
N LYS B 109 -27.27 -8.47 -5.94
CA LYS B 109 -26.65 -8.33 -4.59
C LYS B 109 -26.68 -9.63 -3.82
N VAL B 110 -25.70 -9.86 -2.95
CA VAL B 110 -25.58 -11.12 -2.20
C VAL B 110 -25.49 -10.73 -0.71
N PRO B 111 -26.02 -11.59 0.21
CA PRO B 111 -25.88 -11.29 1.65
C PRO B 111 -24.42 -11.35 2.08
N GLY B 112 -24.00 -10.42 2.93
CA GLY B 112 -22.59 -10.28 3.34
C GLY B 112 -21.60 -10.04 2.21
N LYS B 113 -22.01 -9.33 1.16
CA LYS B 113 -21.11 -8.96 0.08
C LYS B 113 -21.39 -7.56 -0.34
N TYR B 114 -20.40 -6.96 -0.98
CA TYR B 114 -20.52 -5.58 -1.41
C TYR B 114 -21.56 -5.43 -2.52
N ASP B 115 -22.16 -4.26 -2.51
CA ASP B 115 -23.16 -3.81 -3.45
C ASP B 115 -22.45 -2.84 -4.41
N MET B 116 -23.01 -2.64 -5.61
CA MET B 116 -22.40 -1.76 -6.63
C MET B 116 -23.10 -0.43 -6.69
N LEU B 117 -22.63 0.46 -7.60
CA LEU B 117 -23.22 1.79 -7.97
C LEU B 117 -23.58 2.66 -6.78
#